data_5V3Z
#
_entry.id   5V3Z
#
_cell.length_a   88.704
_cell.length_b   108.904
_cell.length_c   58.057
_cell.angle_alpha   90.000
_cell.angle_beta   90.000
_cell.angle_gamma   90.000
#
_symmetry.space_group_name_H-M   'P 21 21 2'
#
loop_
_entity.id
_entity.type
_entity.pdbx_description
1 polymer 'Polyketide synthase Pks13 (Termination polyketide synthase)'
2 non-polymer 'PENTAETHYLENE GLYCOL'
3 non-polymer 'SULFATE ION'
4 water water
#
_entity_poly.entity_id   1
_entity_poly.type   'polypeptide(L)'
_entity_poly.pdbx_seq_one_letter_code
;SNAQIDGFVRTLRARPEAGGKVPVFVFHPAGGSTVVYEPLLGRLPADTPMYGFERVEGSIEERAQQYVPKLIEMQGDGPY
VLVGWSLGGVLAYACAIGLRRLGKDVRFVGLIDAVRAGEEIPQTKEEIRKRWDRYAAFAEKTFNVTIPAIPYEQLEELDN
EGQVRFVLDAVSQSGVQIPAGIIEHQRTSYLDNRAIDTAQIQPYDGHVTLYMADRYHDDAIMFEPRYAVRQPDGGWGEYV
SDLEVVPIGGEHIQAIDEPIIAKVGEHMSRALGQIEADRTSEVGKQ
;
_entity_poly.pdbx_strand_id   A,B
#
# COMPACT_ATOMS: atom_id res chain seq x y z
N GLN A 4 32.45 -19.33 6.26
CA GLN A 4 31.22 -18.65 5.93
C GLN A 4 30.96 -17.41 6.80
N ILE A 5 31.79 -17.18 7.82
CA ILE A 5 31.77 -15.90 8.52
C ILE A 5 33.09 -15.14 8.33
N ASP A 6 32.96 -13.90 7.88
CA ASP A 6 34.08 -12.99 7.65
C ASP A 6 33.71 -11.62 8.19
N GLY A 7 34.14 -11.32 9.42
CA GLY A 7 33.80 -10.03 10.02
C GLY A 7 32.29 -9.96 10.27
N PHE A 8 31.62 -9.00 9.64
CA PHE A 8 30.18 -8.90 9.79
C PHE A 8 29.46 -9.47 8.57
N VAL A 9 30.20 -10.17 7.71
CA VAL A 9 29.61 -10.73 6.50
C VAL A 9 29.42 -12.24 6.60
N ARG A 10 28.17 -12.68 6.54
CA ARG A 10 27.86 -14.11 6.55
C ARG A 10 27.63 -14.61 5.13
N THR A 11 28.32 -15.65 4.73
CA THR A 11 28.01 -16.19 3.41
C THR A 11 26.86 -17.21 3.51
N LEU A 12 25.72 -16.87 2.92
CA LEU A 12 24.58 -17.80 2.95
C LEU A 12 24.62 -18.72 1.74
N ARG A 13 24.94 -18.16 0.59
CA ARG A 13 25.32 -19.01 -0.53
C ARG A 13 26.41 -18.33 -1.32
N ALA A 14 27.54 -19.01 -1.47
CA ALA A 14 28.70 -18.45 -2.16
C ALA A 14 28.47 -18.24 -3.65
N ARG A 15 29.14 -17.22 -4.18
CA ARG A 15 29.22 -16.96 -5.61
C ARG A 15 30.40 -17.71 -6.14
N PRO A 16 30.31 -18.20 -7.39
CA PRO A 16 31.43 -18.86 -8.06
C PRO A 16 32.71 -18.02 -8.06
N GLU A 17 33.86 -18.68 -8.24
CA GLU A 17 35.14 -17.98 -8.22
C GLU A 17 35.13 -16.78 -9.18
N ALA A 18 34.49 -16.96 -10.33
CA ALA A 18 34.30 -15.89 -11.31
C ALA A 18 32.96 -16.05 -12.04
N GLY A 19 32.33 -14.92 -12.39
CA GLY A 19 31.04 -14.94 -13.08
C GLY A 19 29.89 -15.40 -12.19
N GLY A 20 28.75 -15.73 -12.78
CA GLY A 20 27.66 -16.23 -11.95
C GLY A 20 26.56 -15.18 -11.85
N LYS A 21 25.50 -15.49 -11.13
CA LYS A 21 24.42 -14.53 -10.99
C LYS A 21 24.74 -13.42 -9.99
N VAL A 22 23.98 -12.34 -10.09
CA VAL A 22 24.13 -11.21 -9.20
C VAL A 22 23.75 -11.62 -7.78
N PRO A 23 24.62 -11.34 -6.80
CA PRO A 23 24.29 -11.72 -5.42
C PRO A 23 23.18 -10.87 -4.86
N VAL A 24 22.45 -11.45 -3.95
CA VAL A 24 21.52 -10.70 -3.11
C VAL A 24 22.18 -10.41 -1.78
N PHE A 25 22.27 -9.13 -1.42
CA PHE A 25 22.77 -8.76 -0.12
C PHE A 25 21.63 -8.56 0.87
N VAL A 26 21.68 -9.25 2.00
CA VAL A 26 20.63 -9.11 3.00
C VAL A 26 21.19 -8.57 4.29
N PHE A 27 20.36 -7.82 4.99
CA PHE A 27 20.83 -7.09 6.19
C PHE A 27 20.02 -7.53 7.40
N HIS A 28 20.70 -7.69 8.52
CA HIS A 28 20.11 -8.26 9.73
C HIS A 28 18.96 -7.41 10.26
N PRO A 29 17.93 -8.06 10.84
CA PRO A 29 16.89 -7.36 11.59
C PRO A 29 17.34 -7.09 13.02
N ALA A 30 16.67 -6.17 13.73
CA ALA A 30 17.03 -5.93 15.13
C ALA A 30 16.83 -7.18 15.99
N GLY A 31 17.84 -7.57 16.74
CA GLY A 31 17.75 -8.75 17.59
C GLY A 31 17.88 -10.11 16.89
N GLY A 32 18.25 -10.11 15.62
CA GLY A 32 18.40 -11.36 14.87
C GLY A 32 19.63 -11.31 14.00
N SER A 33 19.96 -12.43 13.33
CA SER A 33 21.08 -12.47 12.42
C SER A 33 20.53 -12.71 11.03
N THR A 34 21.38 -12.75 10.01
CA THR A 34 20.86 -12.97 8.67
C THR A 34 20.51 -14.42 8.37
N VAL A 35 20.68 -15.31 9.33
CA VAL A 35 20.19 -16.67 9.12
C VAL A 35 18.66 -16.66 8.89
N VAL A 36 17.96 -15.61 9.32
CA VAL A 36 16.52 -15.52 9.09
C VAL A 36 16.17 -15.41 7.59
N TYR A 37 17.15 -15.17 6.74
CA TYR A 37 16.87 -15.05 5.31
C TYR A 37 16.98 -16.39 4.60
N GLU A 38 17.22 -17.48 5.32
CA GLU A 38 17.33 -18.79 4.66
C GLU A 38 16.02 -19.23 3.97
N PRO A 39 14.85 -19.00 4.61
CA PRO A 39 13.63 -19.29 3.86
C PRO A 39 13.50 -18.48 2.56
N LEU A 40 13.79 -17.18 2.57
CA LEU A 40 13.77 -16.39 1.33
C LEU A 40 14.70 -17.01 0.31
N LEU A 41 15.90 -17.38 0.75
CA LEU A 41 16.87 -17.98 -0.16
C LEU A 41 16.30 -19.22 -0.85
N GLY A 42 15.56 -20.04 -0.11
CA GLY A 42 14.91 -21.19 -0.72
C GLY A 42 13.93 -20.84 -1.83
N ARG A 43 13.38 -19.62 -1.79
CA ARG A 43 12.37 -19.26 -2.79
C ARG A 43 12.96 -18.36 -3.89
N LEU A 44 14.30 -18.26 -3.93
CA LEU A 44 14.95 -17.49 -4.98
C LEU A 44 15.51 -18.45 -6.01
N PRO A 45 15.93 -17.94 -7.19
CA PRO A 45 16.42 -18.90 -8.19
C PRO A 45 17.60 -19.68 -7.68
N ALA A 46 17.72 -20.90 -8.16
CA ALA A 46 18.85 -21.78 -7.88
C ALA A 46 20.16 -21.04 -8.18
N ASP A 47 21.14 -21.20 -7.29
CA ASP A 47 22.46 -20.60 -7.49
C ASP A 47 22.52 -19.07 -7.45
N THR A 48 21.48 -18.44 -6.92
CA THR A 48 21.52 -17.02 -6.56
C THR A 48 22.45 -16.89 -5.35
N PRO A 49 23.56 -16.15 -5.50
CA PRO A 49 24.42 -16.01 -4.31
C PRO A 49 23.76 -15.08 -3.29
N MET A 50 24.06 -15.27 -2.00
CA MET A 50 23.49 -14.45 -0.95
C MET A 50 24.49 -14.24 0.16
N TYR A 51 24.70 -12.97 0.48
CA TYR A 51 25.58 -12.57 1.56
C TYR A 51 24.84 -11.74 2.55
N GLY A 52 25.08 -11.98 3.83
CA GLY A 52 24.35 -11.29 4.87
C GLY A 52 25.25 -10.40 5.67
N PHE A 53 24.77 -9.17 5.90
CA PHE A 53 25.50 -8.19 6.72
C PHE A 53 24.94 -8.12 8.15
N GLU A 54 25.80 -8.46 9.10
CA GLU A 54 25.43 -8.53 10.51
C GLU A 54 25.67 -7.20 11.21
N ARG A 55 25.36 -7.17 12.50
CA ARG A 55 25.29 -5.91 13.24
C ARG A 55 26.61 -5.13 13.30
N VAL A 56 26.51 -3.80 13.13
CA VAL A 56 27.63 -2.92 13.42
C VAL A 56 27.11 -1.75 14.24
N GLU A 57 28.00 -0.98 14.84
CA GLU A 57 27.55 0.09 15.73
C GLU A 57 27.34 1.43 15.02
N GLY A 58 26.52 2.28 15.62
CA GLY A 58 26.39 3.67 15.20
C GLY A 58 25.00 4.03 14.74
N SER A 59 24.83 5.29 14.36
CA SER A 59 23.60 5.72 13.70
C SER A 59 23.41 4.91 12.41
N ILE A 60 22.19 4.92 11.84
CA ILE A 60 21.98 4.23 10.57
C ILE A 60 23.03 4.67 9.54
N GLU A 61 23.26 5.97 9.42
CA GLU A 61 24.24 6.49 8.47
C GLU A 61 25.66 5.95 8.75
N GLU A 62 26.07 5.96 10.02
CA GLU A 62 27.37 5.44 10.41
C GLU A 62 27.46 3.93 10.14
N ARG A 63 26.33 3.23 10.19
CA ARG A 63 26.37 1.80 9.92
C ARG A 63 26.57 1.59 8.41
N ALA A 64 25.86 2.38 7.60
CA ALA A 64 26.04 2.30 6.15
C ALA A 64 27.48 2.64 5.77
N GLN A 65 28.10 3.55 6.51
CA GLN A 65 29.46 3.97 6.18
C GLN A 65 30.46 2.84 6.36
N GLN A 66 30.14 1.87 7.20
CA GLN A 66 30.98 0.69 7.37
C GLN A 66 30.60 -0.40 6.33
N TYR A 67 29.31 -0.49 6.02
CA TYR A 67 28.84 -1.50 5.09
C TYR A 67 29.26 -1.21 3.65
N VAL A 68 29.07 0.05 3.24
CA VAL A 68 29.26 0.41 1.82
C VAL A 68 30.65 0.06 1.27
N PRO A 69 31.74 0.34 2.03
CA PRO A 69 33.03 -0.07 1.44
C PRO A 69 33.16 -1.58 1.28
N LYS A 70 32.49 -2.35 2.13
CA LYS A 70 32.56 -3.81 2.05
C LYS A 70 31.78 -4.30 0.84
N LEU A 71 30.59 -3.73 0.66
CA LEU A 71 29.76 -3.97 -0.50
C LEU A 71 30.56 -3.79 -1.79
N ILE A 72 31.27 -2.67 -1.87
CA ILE A 72 32.06 -2.36 -3.04
C ILE A 72 33.24 -3.30 -3.18
N GLU A 73 33.88 -3.68 -2.06
CA GLU A 73 34.95 -4.65 -2.15
C GLU A 73 34.39 -5.96 -2.74
N MET A 74 33.16 -6.30 -2.43
CA MET A 74 32.62 -7.57 -2.91
C MET A 74 31.98 -7.53 -4.31
N GLN A 75 31.42 -6.38 -4.71
CA GLN A 75 30.58 -6.35 -5.91
C GLN A 75 30.91 -5.19 -6.87
N GLY A 76 31.97 -4.44 -6.53
CA GLY A 76 32.52 -3.46 -7.45
C GLY A 76 31.44 -2.47 -7.89
N ASP A 77 31.37 -2.21 -9.18
CA ASP A 77 30.46 -1.21 -9.71
C ASP A 77 28.97 -1.56 -9.67
N GLY A 78 28.64 -2.76 -9.25
CA GLY A 78 27.26 -3.17 -9.33
C GLY A 78 27.19 -4.27 -10.36
N PRO A 79 25.99 -4.76 -10.64
CA PRO A 79 24.72 -4.29 -10.06
C PRO A 79 24.47 -4.73 -8.60
N TYR A 80 23.82 -3.86 -7.83
CA TYR A 80 23.53 -4.18 -6.43
C TYR A 80 22.07 -4.51 -6.22
N VAL A 81 21.83 -5.59 -5.48
CA VAL A 81 20.50 -6.00 -5.03
C VAL A 81 20.57 -6.03 -3.52
N LEU A 82 19.80 -5.16 -2.91
CA LEU A 82 19.88 -4.92 -1.48
C LEU A 82 18.54 -5.19 -0.85
N VAL A 83 18.52 -6.05 0.16
CA VAL A 83 17.25 -6.55 0.70
C VAL A 83 17.29 -6.61 2.22
N GLY A 84 16.23 -6.16 2.87
CA GLY A 84 16.14 -6.44 4.28
C GLY A 84 14.73 -6.42 4.84
N TRP A 85 14.56 -7.17 5.92
CA TRP A 85 13.33 -7.19 6.69
C TRP A 85 13.52 -6.36 7.95
N SER A 86 12.47 -5.62 8.31
CA SER A 86 12.50 -4.83 9.53
C SER A 86 13.66 -3.82 9.47
N LEU A 87 14.50 -3.75 10.52
CA LEU A 87 15.66 -2.85 10.51
C LEU A 87 16.51 -3.04 9.27
N GLY A 88 16.65 -4.30 8.87
CA GLY A 88 17.41 -4.66 7.70
C GLY A 88 16.97 -3.91 6.46
N GLY A 89 15.68 -3.64 6.30
CA GLY A 89 15.25 -2.85 5.16
C GLY A 89 15.78 -1.43 5.21
N VAL A 90 15.79 -0.82 6.40
CA VAL A 90 16.31 0.54 6.57
C VAL A 90 17.79 0.56 6.27
N LEU A 91 18.50 -0.48 6.69
CA LEU A 91 19.93 -0.58 6.44
C LEU A 91 20.20 -0.75 4.93
N ALA A 92 19.40 -1.58 4.26
CA ALA A 92 19.55 -1.78 2.82
C ALA A 92 19.37 -0.45 2.08
N TYR A 93 18.36 0.32 2.48
CA TYR A 93 18.10 1.62 1.89
C TYR A 93 19.26 2.59 2.10
N ALA A 94 19.78 2.64 3.32
CA ALA A 94 20.86 3.57 3.60
C ALA A 94 22.08 3.21 2.74
N CYS A 95 22.29 1.91 2.55
CA CYS A 95 23.37 1.47 1.67
C CYS A 95 23.11 1.84 0.22
N ALA A 96 21.87 1.69 -0.23
CA ALA A 96 21.51 2.14 -1.59
C ALA A 96 21.84 3.62 -1.79
N ILE A 97 21.45 4.44 -0.82
CA ILE A 97 21.76 5.88 -0.86
C ILE A 97 23.27 6.11 -0.97
N GLY A 98 24.04 5.42 -0.12
CA GLY A 98 25.49 5.56 -0.12
C GLY A 98 26.12 5.13 -1.44
N LEU A 99 25.64 4.02 -1.99
CA LEU A 99 26.22 3.45 -3.20
C LEU A 99 25.98 4.36 -4.39
N ARG A 100 24.80 4.98 -4.40
CA ARG A 100 24.42 5.90 -5.47
C ARG A 100 25.25 7.17 -5.46
N ARG A 101 25.59 7.68 -4.27
CA ARG A 101 26.46 8.84 -4.20
C ARG A 101 27.85 8.58 -4.80
N LEU A 102 28.28 7.33 -4.74
CA LEU A 102 29.57 6.93 -5.30
C LEU A 102 29.42 6.45 -6.74
N GLY A 103 28.23 6.63 -7.31
CA GLY A 103 28.00 6.33 -8.71
C GLY A 103 27.75 4.89 -9.05
N LYS A 104 27.51 4.03 -8.05
CA LYS A 104 27.35 2.62 -8.33
C LYS A 104 25.95 2.33 -8.93
N ASP A 105 25.82 1.13 -9.51
CA ASP A 105 24.59 0.71 -10.17
C ASP A 105 23.69 -0.12 -9.24
N VAL A 106 22.73 0.53 -8.60
CA VAL A 106 21.81 -0.17 -7.70
C VAL A 106 20.52 -0.52 -8.45
N ARG A 107 20.27 -1.81 -8.65
CA ARG A 107 19.14 -2.25 -9.49
C ARG A 107 17.88 -2.61 -8.73
N PHE A 108 18.03 -3.00 -7.46
CA PHE A 108 16.88 -3.46 -6.68
C PHE A 108 17.09 -3.23 -5.17
N VAL A 109 16.10 -2.59 -4.54
CA VAL A 109 16.03 -2.44 -3.08
C VAL A 109 14.72 -3.08 -2.59
N GLY A 110 14.83 -4.16 -1.83
CA GLY A 110 13.65 -4.89 -1.36
C GLY A 110 13.46 -4.65 0.12
N LEU A 111 12.39 -3.94 0.47
CA LEU A 111 12.08 -3.70 1.88
C LEU A 111 11.03 -4.70 2.29
N ILE A 112 11.39 -5.62 3.18
CA ILE A 112 10.40 -6.60 3.58
C ILE A 112 9.71 -6.08 4.84
N ASP A 113 8.54 -5.50 4.62
CA ASP A 113 7.73 -4.83 5.62
C ASP A 113 8.52 -3.88 6.51
N ALA A 114 9.49 -3.17 5.93
CA ALA A 114 10.19 -2.12 6.68
C ALA A 114 9.36 -0.84 6.61
N VAL A 115 8.29 -0.80 7.38
CA VAL A 115 7.25 0.22 7.29
C VAL A 115 7.49 1.25 8.39
N ARG A 116 7.57 2.52 8.01
CA ARG A 116 7.80 3.60 8.95
C ARG A 116 6.60 3.78 9.84
N ALA A 117 6.82 4.20 11.08
CA ALA A 117 5.71 4.55 11.98
C ALA A 117 4.83 5.58 11.28
N GLY A 118 3.52 5.44 11.47
CA GLY A 118 2.54 6.25 10.78
C GLY A 118 2.47 7.69 11.24
N GLU A 119 3.17 8.01 12.31
CA GLU A 119 3.39 9.36 12.80
C GLU A 119 4.85 9.51 13.20
N GLU A 120 5.46 10.66 13.01
CA GLU A 120 6.89 10.80 13.34
C GLU A 120 7.07 10.68 14.85
N ILE A 121 8.20 10.13 15.29
CA ILE A 121 8.48 10.05 16.70
C ILE A 121 9.22 11.30 17.09
N PRO A 122 8.61 12.15 17.96
CA PRO A 122 9.27 13.40 18.31
C PRO A 122 10.56 13.13 19.03
N GLN A 123 11.60 13.89 18.69
CA GLN A 123 12.88 13.73 19.37
C GLN A 123 12.96 14.80 20.44
N THR A 124 12.15 14.63 21.49
CA THR A 124 12.01 15.69 22.47
C THR A 124 12.13 15.14 23.86
N LYS A 125 12.36 16.02 24.83
CA LYS A 125 12.43 15.55 26.21
C LYS A 125 11.06 15.05 26.67
N GLU A 126 10.00 15.74 26.24
CA GLU A 126 8.64 15.31 26.55
C GLU A 126 8.40 13.87 26.09
N GLU A 127 8.82 13.52 24.88
CA GLU A 127 8.54 12.14 24.42
C GLU A 127 9.34 11.11 25.23
N ILE A 128 10.55 11.44 25.66
CA ILE A 128 11.33 10.51 26.49
C ILE A 128 10.64 10.26 27.82
N ARG A 129 10.12 11.33 28.42
CA ARG A 129 9.38 11.24 29.67
C ARG A 129 8.19 10.32 29.43
N LYS A 130 7.40 10.61 28.41
CA LYS A 130 6.22 9.79 28.11
C LYS A 130 6.54 8.32 27.82
N ARG A 131 7.64 8.10 27.10
CA ARG A 131 8.05 6.77 26.72
C ARG A 131 8.36 5.92 27.94
N TRP A 132 9.15 6.48 28.87
CA TRP A 132 9.58 5.71 30.03
C TRP A 132 8.45 5.60 31.06
N ASP A 133 7.53 6.57 31.06
CA ASP A 133 6.30 6.44 31.84
C ASP A 133 5.52 5.21 31.36
N ARG A 134 5.42 5.04 30.04
CA ARG A 134 4.70 3.89 29.51
C ARG A 134 5.43 2.61 29.88
N TYR A 135 6.73 2.56 29.62
CA TYR A 135 7.53 1.39 29.93
C TYR A 135 7.44 1.03 31.40
N ALA A 136 7.48 2.05 32.28
CA ALA A 136 7.38 1.77 33.71
C ALA A 136 6.03 1.16 34.06
N ALA A 137 4.94 1.74 33.52
CA ALA A 137 3.62 1.19 33.79
C ALA A 137 3.50 -0.27 33.32
N PHE A 138 4.12 -0.62 32.19
CA PHE A 138 4.10 -2.00 31.72
C PHE A 138 4.91 -2.89 32.66
N ALA A 139 6.07 -2.41 33.09
CA ALA A 139 6.91 -3.14 34.04
C ALA A 139 6.15 -3.46 35.34
N GLU A 140 5.36 -2.49 35.83
CA GLU A 140 4.54 -2.65 37.03
C GLU A 140 3.49 -3.75 36.93
N LYS A 141 2.75 -3.80 35.83
CA LYS A 141 1.73 -4.83 35.68
C LYS A 141 2.38 -6.19 35.54
N THR A 142 3.49 -6.25 34.81
CA THR A 142 4.10 -7.52 34.48
C THR A 142 4.83 -8.16 35.67
N PHE A 143 5.67 -7.39 36.34
CA PHE A 143 6.49 -7.94 37.41
C PHE A 143 5.94 -7.59 38.78
N ASN A 144 4.75 -6.98 38.78
CA ASN A 144 3.98 -6.77 40.01
C ASN A 144 4.76 -6.05 41.09
N VAL A 145 5.42 -4.97 40.67
CA VAL A 145 6.13 -4.13 41.59
C VAL A 145 5.59 -2.72 41.45
N THR A 146 5.90 -1.88 42.42
CA THR A 146 5.56 -0.48 42.36
C THR A 146 6.81 0.28 41.94
N ILE A 147 6.76 0.93 40.79
CA ILE A 147 7.89 1.72 40.31
C ILE A 147 7.88 3.10 40.98
N PRO A 148 9.02 3.50 41.55
CA PRO A 148 9.22 4.80 42.19
C PRO A 148 9.37 5.92 41.17
N ALA A 149 9.48 7.15 41.66
CA ALA A 149 9.61 8.30 40.77
C ALA A 149 10.81 8.15 39.84
N ILE A 150 10.51 8.15 38.55
CA ILE A 150 11.50 8.15 37.49
C ILE A 150 12.33 9.42 37.52
N PRO A 151 13.66 9.30 37.41
CA PRO A 151 14.38 10.57 37.45
C PRO A 151 14.41 11.18 36.05
N TYR A 152 13.38 11.92 35.71
CA TYR A 152 13.25 12.43 34.35
C TYR A 152 14.39 13.35 33.94
N GLU A 153 14.92 14.10 34.91
CA GLU A 153 15.96 15.09 34.62
C GLU A 153 17.20 14.42 34.05
N GLN A 154 17.57 13.27 34.62
CA GLN A 154 18.72 12.54 34.10
C GLN A 154 18.42 11.89 32.77
N LEU A 155 17.26 11.22 32.67
CA LEU A 155 16.91 10.46 31.46
C LEU A 155 16.73 11.31 30.21
N GLU A 156 16.09 12.46 30.37
CA GLU A 156 15.77 13.26 29.20
C GLU A 156 17.02 13.94 28.62
N GLU A 157 18.13 13.89 29.34
CA GLU A 157 19.37 14.45 28.80
C GLU A 157 20.22 13.42 28.06
N LEU A 158 19.73 12.18 27.95
CA LEU A 158 20.55 11.10 27.38
C LEU A 158 20.00 10.63 26.03
N ASP A 159 20.88 10.17 25.15
CA ASP A 159 20.41 9.55 23.91
C ASP A 159 19.87 8.17 24.25
N ASN A 160 19.37 7.45 23.25
CA ASN A 160 18.77 6.16 23.52
C ASN A 160 19.73 5.22 24.23
N GLU A 161 21.00 5.20 23.82
CA GLU A 161 21.95 4.27 24.43
C GLU A 161 22.24 4.71 25.85
N GLY A 162 22.26 6.02 26.07
CA GLY A 162 22.44 6.55 27.41
C GLY A 162 21.24 6.25 28.29
N GLN A 163 20.03 6.39 27.74
CA GLN A 163 18.84 6.10 28.54
C GLN A 163 18.86 4.65 29.00
N VAL A 164 19.18 3.74 28.08
CA VAL A 164 19.17 2.33 28.41
C VAL A 164 20.23 2.01 29.44
N ARG A 165 21.44 2.54 29.25
CA ARG A 165 22.53 2.29 30.21
C ARG A 165 22.13 2.73 31.60
N PHE A 166 21.46 3.87 31.68
CA PHE A 166 21.01 4.41 32.97
C PHE A 166 19.98 3.50 33.63
N VAL A 167 18.98 3.09 32.84
CA VAL A 167 17.94 2.21 33.36
C VAL A 167 18.52 0.85 33.77
N LEU A 168 19.41 0.28 32.95
CA LEU A 168 20.07 -0.97 33.33
C LEU A 168 20.88 -0.86 34.62
N ASP A 169 21.63 0.24 34.76
CA ASP A 169 22.43 0.46 35.96
C ASP A 169 21.52 0.55 37.17
N ALA A 170 20.43 1.29 37.03
CA ALA A 170 19.45 1.38 38.12
C ALA A 170 18.90 -0.01 38.45
N VAL A 171 18.60 -0.78 37.42
CA VAL A 171 18.04 -2.11 37.63
C VAL A 171 19.02 -3.00 38.38
N SER A 172 20.29 -2.94 37.98
CA SER A 172 21.31 -3.75 38.62
C SER A 172 21.52 -3.28 40.05
N GLN A 173 21.54 -1.96 40.24
CA GLN A 173 21.63 -1.36 41.56
C GLN A 173 20.49 -1.86 42.44
N SER A 174 19.26 -1.83 41.89
CA SER A 174 18.06 -2.28 42.60
C SER A 174 18.15 -3.70 43.14
N GLY A 175 19.17 -4.43 42.72
CA GLY A 175 19.44 -5.74 43.26
C GLY A 175 19.08 -6.82 42.26
N VAL A 176 18.49 -6.43 41.13
CA VAL A 176 18.12 -7.42 40.13
C VAL A 176 19.34 -7.91 39.35
N GLN A 177 19.54 -9.22 39.37
CA GLN A 177 20.62 -9.86 38.65
C GLN A 177 20.06 -10.51 37.39
N ILE A 178 20.54 -10.08 36.21
CA ILE A 178 20.08 -10.66 34.94
C ILE A 178 21.24 -11.17 34.09
N PRO A 179 21.16 -12.43 33.60
CA PRO A 179 22.23 -13.02 32.81
C PRO A 179 22.60 -12.17 31.60
N ALA A 180 23.90 -12.01 31.38
CA ALA A 180 24.42 -11.07 30.40
C ALA A 180 23.83 -11.26 29.00
N GLY A 181 23.69 -12.50 28.54
CA GLY A 181 23.08 -12.76 27.25
C GLY A 181 21.71 -12.17 27.06
N ILE A 182 20.88 -12.23 28.11
CA ILE A 182 19.53 -11.71 27.98
C ILE A 182 19.56 -10.19 27.87
N ILE A 183 20.32 -9.55 28.76
CA ILE A 183 20.53 -8.11 28.74
C ILE A 183 21.03 -7.65 27.38
N GLU A 184 22.08 -8.29 26.89
CA GLU A 184 22.69 -7.85 25.64
C GLU A 184 21.75 -8.05 24.46
N HIS A 185 21.02 -9.15 24.45
CA HIS A 185 20.02 -9.34 23.42
C HIS A 185 18.89 -8.30 23.51
N GLN A 186 18.40 -8.04 24.72
CA GLN A 186 17.37 -7.04 24.85
C GLN A 186 17.88 -5.63 24.52
N ARG A 187 19.07 -5.31 25.01
CA ARG A 187 19.65 -3.98 24.84
C ARG A 187 19.93 -3.70 23.37
N THR A 188 20.55 -4.64 22.68
CA THR A 188 20.89 -4.37 21.30
C THR A 188 19.67 -4.35 20.39
N SER A 189 18.69 -5.21 20.65
CA SER A 189 17.49 -5.18 19.85
C SER A 189 16.81 -3.83 20.00
N TYR A 190 16.67 -3.39 21.25
CA TYR A 190 15.99 -2.13 21.53
C TYR A 190 16.68 -0.95 20.83
N LEU A 191 17.98 -0.83 21.02
CA LEU A 191 18.71 0.28 20.46
C LEU A 191 18.74 0.24 18.95
N ASP A 192 18.84 -0.95 18.37
CA ASP A 192 18.85 -1.05 16.91
C ASP A 192 17.52 -0.58 16.32
N ASN A 193 16.41 -0.97 16.94
CA ASN A 193 15.08 -0.50 16.48
C ASN A 193 14.89 1.01 16.74
N ARG A 194 15.39 1.53 17.87
CA ARG A 194 15.32 2.98 18.10
C ARG A 194 16.17 3.79 17.13
N ALA A 195 17.23 3.17 16.59
CA ALA A 195 18.14 3.85 15.65
C ALA A 195 17.37 4.39 14.45
N ILE A 196 16.31 3.67 14.11
CA ILE A 196 15.45 4.04 13.01
C ILE A 196 14.83 5.43 13.19
N ASP A 197 14.47 5.78 14.42
CA ASP A 197 13.75 7.02 14.69
C ASP A 197 14.51 8.25 14.23
N THR A 198 15.83 8.17 14.24
CA THR A 198 16.61 9.34 13.84
C THR A 198 17.38 9.14 12.55
N ALA A 199 17.00 8.13 11.79
CA ALA A 199 17.59 7.94 10.49
C ALA A 199 17.24 9.18 9.67
N GLN A 200 18.26 9.85 9.15
CA GLN A 200 18.06 10.99 8.28
C GLN A 200 17.87 10.46 6.87
N ILE A 201 16.61 10.29 6.47
CA ILE A 201 16.31 9.59 5.24
C ILE A 201 16.36 10.51 4.01
N GLN A 202 17.07 10.04 2.98
CA GLN A 202 17.29 10.81 1.75
C GLN A 202 16.51 10.26 0.57
N PRO A 203 16.17 11.14 -0.38
CA PRO A 203 15.50 10.63 -1.58
C PRO A 203 16.40 9.68 -2.37
N TYR A 204 15.79 8.66 -2.95
CA TYR A 204 16.52 7.67 -3.71
C TYR A 204 15.97 7.64 -5.16
N ASP A 205 16.86 7.65 -6.13
CA ASP A 205 16.45 7.83 -7.52
C ASP A 205 16.22 6.51 -8.25
N GLY A 206 16.07 5.41 -7.52
CA GLY A 206 15.88 4.13 -8.18
C GLY A 206 14.62 3.38 -7.76
N HIS A 207 14.55 2.12 -8.12
CA HIS A 207 13.36 1.33 -7.85
C HIS A 207 13.48 0.71 -6.46
N VAL A 208 12.41 0.85 -5.69
CA VAL A 208 12.31 0.26 -4.36
C VAL A 208 11.07 -0.60 -4.36
N THR A 209 11.18 -1.84 -3.88
CA THR A 209 10.00 -2.64 -3.68
C THR A 209 9.70 -2.80 -2.19
N LEU A 210 8.50 -2.39 -1.79
CA LEU A 210 8.07 -2.56 -0.40
C LEU A 210 7.05 -3.69 -0.32
N TYR A 211 7.45 -4.81 0.27
CA TYR A 211 6.53 -5.90 0.56
C TYR A 211 5.80 -5.56 1.84
N MET A 212 4.49 -5.38 1.73
CA MET A 212 3.73 -4.76 2.80
C MET A 212 2.76 -5.69 3.47
N ALA A 213 3.03 -5.99 4.73
CA ALA A 213 2.12 -6.78 5.55
C ALA A 213 0.89 -5.95 5.94
N ASP A 214 -0.05 -6.56 6.63
CA ASP A 214 -1.25 -5.86 7.03
C ASP A 214 -0.97 -4.91 8.22
N ARG A 215 -0.11 -5.31 9.15
CA ARG A 215 0.09 -4.51 10.37
C ARG A 215 1.32 -4.94 11.14
N TYR A 216 1.74 -4.11 12.10
CA TYR A 216 2.75 -4.57 13.04
C TYR A 216 2.11 -5.47 14.10
N HIS A 217 2.93 -6.39 14.61
CA HIS A 217 2.53 -7.28 15.70
C HIS A 217 2.48 -6.49 17.00
N ASP A 218 1.83 -7.05 18.02
CA ASP A 218 1.58 -6.29 19.24
C ASP A 218 2.83 -5.78 19.96
N ASP A 219 3.87 -6.61 20.03
CA ASP A 219 5.10 -6.22 20.72
C ASP A 219 5.77 -4.99 20.07
N ALA A 220 5.64 -4.83 18.75
CA ALA A 220 6.19 -3.61 18.10
C ALA A 220 5.43 -2.38 18.57
N ILE A 221 4.13 -2.53 18.73
CA ILE A 221 3.27 -1.43 19.13
C ILE A 221 3.54 -1.07 20.58
N MET A 222 3.78 -2.08 21.42
CA MET A 222 4.13 -1.84 22.80
C MET A 222 5.49 -1.15 22.90
N PHE A 223 6.42 -1.53 22.01
CA PHE A 223 7.70 -0.85 21.90
C PHE A 223 7.48 0.64 21.54
N GLU A 224 6.66 0.88 20.53
CA GLU A 224 6.40 2.24 20.04
C GLU A 224 4.99 2.31 19.46
N PRO A 225 4.06 2.99 20.17
CA PRO A 225 2.64 2.99 19.79
C PRO A 225 2.33 3.55 18.40
N ARG A 226 3.23 4.37 17.86
CA ARG A 226 2.96 5.00 16.56
C ARG A 226 3.10 4.00 15.43
N TYR A 227 3.57 2.79 15.73
CA TYR A 227 3.63 1.72 14.73
C TYR A 227 2.28 1.09 14.54
N ALA A 228 1.30 1.50 15.36
CA ALA A 228 -0.05 1.00 15.24
C ALA A 228 -0.70 1.58 13.97
N VAL A 229 -0.14 2.66 13.46
CA VAL A 229 -0.65 3.27 12.24
C VAL A 229 0.33 3.12 11.08
N ARG A 230 -0.21 2.77 9.92
CA ARG A 230 0.55 2.64 8.67
C ARG A 230 0.00 3.55 7.59
N GLN A 231 0.88 4.26 6.88
CA GLN A 231 0.45 5.01 5.71
C GLN A 231 0.47 4.09 4.47
N PRO A 232 -0.32 4.42 3.43
CA PRO A 232 -0.35 3.58 2.23
C PRO A 232 1.02 3.36 1.56
N ASP A 233 1.91 4.34 1.62
CA ASP A 233 3.24 4.20 1.02
C ASP A 233 4.25 3.71 2.03
N GLY A 234 3.79 3.29 3.21
CA GLY A 234 4.69 2.77 4.25
C GLY A 234 5.68 3.85 4.75
N GLY A 235 5.39 5.10 4.40
CA GLY A 235 6.24 6.22 4.75
C GLY A 235 7.40 6.46 3.81
N TRP A 236 7.39 5.82 2.63
CA TRP A 236 8.50 5.93 1.70
C TRP A 236 8.18 6.78 0.47
N GLY A 237 6.89 7.10 0.29
CA GLY A 237 6.45 7.74 -0.92
C GLY A 237 7.06 9.11 -1.22
N GLU A 238 7.45 9.85 -0.19
CA GLU A 238 8.05 11.16 -0.41
C GLU A 238 9.50 11.07 -0.90
N TYR A 239 10.20 10.00 -0.51
CA TYR A 239 11.63 9.90 -0.78
C TYR A 239 11.92 9.06 -2.02
N VAL A 240 10.95 8.26 -2.43
CA VAL A 240 11.18 7.35 -3.52
C VAL A 240 10.22 7.56 -4.67
N SER A 241 10.74 8.00 -5.80
CA SER A 241 9.90 8.28 -6.96
C SER A 241 9.36 6.98 -7.53
N ASP A 242 10.23 5.98 -7.66
CA ASP A 242 9.83 4.73 -8.27
C ASP A 242 9.58 3.64 -7.23
N LEU A 243 8.47 3.81 -6.50
CA LEU A 243 8.11 2.96 -5.37
C LEU A 243 7.01 1.98 -5.79
N GLU A 244 7.29 0.70 -5.63
CA GLU A 244 6.34 -0.35 -5.89
C GLU A 244 5.92 -0.97 -4.55
N VAL A 245 4.63 -1.09 -4.29
CA VAL A 245 4.22 -1.78 -3.06
C VAL A 245 3.59 -3.13 -3.38
N VAL A 246 4.04 -4.18 -2.71
CA VAL A 246 3.50 -5.51 -2.93
C VAL A 246 2.84 -6.01 -1.65
N PRO A 247 1.51 -5.97 -1.59
CA PRO A 247 0.84 -6.46 -0.37
C PRO A 247 1.05 -7.95 -0.14
N ILE A 248 1.41 -8.33 1.09
CA ILE A 248 1.69 -9.73 1.40
C ILE A 248 0.81 -10.22 2.55
N GLY A 249 0.06 -9.34 3.18
CA GLY A 249 -0.78 -9.72 4.30
C GLY A 249 0.01 -10.10 5.55
N GLY A 250 -0.68 -10.64 6.56
CA GLY A 250 -0.04 -11.11 7.79
C GLY A 250 0.49 -9.99 8.67
N GLU A 251 1.28 -10.38 9.66
CA GLU A 251 1.88 -9.43 10.58
C GLU A 251 3.34 -9.28 10.25
N HIS A 252 3.94 -8.22 10.77
CA HIS A 252 5.32 -7.91 10.45
C HIS A 252 6.21 -9.09 10.77
N ILE A 253 5.96 -9.72 11.91
CA ILE A 253 6.79 -10.81 12.41
C ILE A 253 6.63 -12.06 11.53
N GLN A 254 5.50 -12.19 10.85
CA GLN A 254 5.32 -13.31 9.93
C GLN A 254 5.99 -13.12 8.56
N ALA A 255 6.33 -11.87 8.18
CA ALA A 255 6.72 -11.57 6.79
C ALA A 255 7.98 -12.31 6.29
N ILE A 256 8.84 -12.70 7.23
CA ILE A 256 10.14 -13.28 6.93
C ILE A 256 10.08 -14.80 6.82
N ASP A 257 8.94 -15.38 7.19
CA ASP A 257 8.79 -16.82 7.23
C ASP A 257 7.81 -17.38 6.23
N GLU A 258 7.89 -18.70 6.05
CA GLU A 258 6.87 -19.42 5.31
C GLU A 258 5.59 -19.29 6.13
N PRO A 259 4.43 -19.19 5.47
CA PRO A 259 4.28 -19.25 4.00
C PRO A 259 4.40 -17.91 3.31
N ILE A 260 4.30 -16.81 4.06
CA ILE A 260 4.28 -15.49 3.47
C ILE A 260 5.53 -15.19 2.64
N ILE A 261 6.68 -15.72 3.06
CA ILE A 261 7.95 -15.45 2.37
C ILE A 261 7.98 -16.01 0.93
N ALA A 262 7.14 -17.01 0.66
CA ALA A 262 6.99 -17.53 -0.71
C ALA A 262 6.43 -16.47 -1.64
N LYS A 263 5.54 -15.64 -1.13
CA LYS A 263 4.99 -14.58 -1.98
C LYS A 263 6.06 -13.53 -2.28
N VAL A 264 6.83 -13.17 -1.25
CA VAL A 264 7.96 -12.27 -1.46
C VAL A 264 8.96 -12.85 -2.47
N GLY A 265 9.34 -14.11 -2.25
CA GLY A 265 10.36 -14.74 -3.07
C GLY A 265 9.96 -14.93 -4.53
N GLU A 266 8.67 -15.13 -4.76
CA GLU A 266 8.18 -15.29 -6.12
C GLU A 266 8.27 -13.97 -6.90
N HIS A 267 7.84 -12.88 -6.27
CA HIS A 267 7.93 -11.58 -6.88
C HIS A 267 9.40 -11.22 -7.07
N MET A 268 10.19 -11.46 -6.03
CA MET A 268 11.61 -11.11 -6.07
C MET A 268 12.34 -11.90 -7.13
N SER A 269 11.95 -13.17 -7.28
CA SER A 269 12.56 -14.01 -8.30
C SER A 269 12.33 -13.41 -9.68
N ARG A 270 11.16 -12.82 -9.90
CA ARG A 270 10.85 -12.20 -11.20
C ARG A 270 11.73 -10.97 -11.43
N ALA A 271 11.91 -10.15 -10.40
CA ALA A 271 12.80 -9.01 -10.51
C ALA A 271 14.22 -9.47 -10.82
N LEU A 272 14.69 -10.49 -10.12
CA LEU A 272 16.06 -10.98 -10.37
C LEU A 272 16.22 -11.51 -11.77
N GLY A 273 15.20 -12.21 -12.25
CA GLY A 273 15.20 -12.75 -13.59
C GLY A 273 15.37 -11.67 -14.63
N GLN A 274 14.67 -10.55 -14.40
CA GLN A 274 14.75 -9.43 -15.34
C GLN A 274 16.16 -8.80 -15.33
N ILE A 275 16.78 -8.74 -14.14
CA ILE A 275 18.14 -8.23 -14.02
C ILE A 275 19.12 -9.10 -14.79
N GLU A 276 19.03 -10.42 -14.62
CA GLU A 276 19.92 -11.31 -15.38
C GLU A 276 19.69 -11.22 -16.89
N ALA A 277 18.45 -11.02 -17.33
CA ALA A 277 18.23 -10.86 -18.78
C ALA A 277 18.89 -9.57 -19.27
N ASP A 278 18.69 -8.47 -18.52
CA ASP A 278 19.24 -7.16 -18.90
C ASP A 278 20.77 -7.15 -18.85
N ARG A 279 21.35 -8.24 -18.37
CA ARG A 279 22.77 -8.51 -18.54
C ARG A 279 22.90 -9.40 -19.78
N GLN B 4 -20.26 10.63 -30.89
CA GLN B 4 -19.19 10.11 -30.03
C GLN B 4 -19.68 8.97 -29.12
N ILE B 5 -20.99 8.83 -28.97
CA ILE B 5 -21.55 7.77 -28.12
C ILE B 5 -22.51 6.89 -28.89
N ASP B 6 -22.40 5.57 -28.65
CA ASP B 6 -23.26 4.57 -29.24
C ASP B 6 -23.71 3.63 -28.14
N GLY B 7 -24.96 3.78 -27.70
CA GLY B 7 -25.48 3.00 -26.61
C GLY B 7 -24.77 3.50 -25.38
N PHE B 8 -24.06 2.62 -24.67
CA PHE B 8 -23.30 3.06 -23.51
C PHE B 8 -21.80 3.12 -23.74
N VAL B 9 -21.39 3.06 -25.01
CA VAL B 9 -19.98 3.09 -25.34
C VAL B 9 -19.60 4.44 -25.93
N ARG B 10 -18.72 5.14 -25.22
CA ARG B 10 -18.18 6.42 -25.69
C ARG B 10 -16.81 6.22 -26.35
N THR B 11 -16.66 6.72 -27.56
CA THR B 11 -15.34 6.64 -28.18
C THR B 11 -14.51 7.85 -27.77
N LEU B 12 -13.42 7.64 -27.03
CA LEU B 12 -12.55 8.76 -26.65
C LEU B 12 -11.44 8.87 -27.69
N ARG B 13 -10.88 7.72 -28.12
CA ARG B 13 -10.08 7.71 -29.34
C ARG B 13 -10.29 6.40 -30.07
N ALA B 14 -10.69 6.49 -31.33
CA ALA B 14 -10.99 5.31 -32.11
C ALA B 14 -9.73 4.49 -32.43
N ARG B 15 -9.88 3.17 -32.51
CA ARG B 15 -8.80 2.38 -33.06
C ARG B 15 -9.05 2.32 -34.57
N PRO B 16 -7.99 2.48 -35.38
CA PRO B 16 -8.11 2.38 -36.83
C PRO B 16 -8.71 1.08 -37.34
N GLU B 17 -9.26 1.14 -38.54
CA GLU B 17 -9.94 0.04 -39.22
C GLU B 17 -9.11 -1.25 -39.27
N ALA B 18 -7.80 -1.12 -39.36
CA ALA B 18 -6.93 -2.29 -39.30
C ALA B 18 -5.69 -1.97 -38.48
N GLY B 19 -5.27 -2.93 -37.66
CA GLY B 19 -4.13 -2.71 -36.80
C GLY B 19 -4.42 -1.69 -35.71
N GLY B 20 -3.35 -1.14 -35.15
CA GLY B 20 -3.43 -0.10 -34.14
C GLY B 20 -2.95 -0.70 -32.84
N LYS B 21 -2.81 0.14 -31.82
CA LYS B 21 -2.38 -0.33 -30.52
C LYS B 21 -3.54 -0.94 -29.74
N VAL B 22 -3.22 -1.66 -28.67
CA VAL B 22 -4.26 -2.26 -27.87
C VAL B 22 -5.06 -1.18 -27.22
N PRO B 23 -6.40 -1.25 -27.34
CA PRO B 23 -7.24 -0.23 -26.72
C PRO B 23 -7.26 -0.32 -25.20
N VAL B 24 -7.45 0.84 -24.59
CA VAL B 24 -7.71 0.95 -23.18
C VAL B 24 -9.21 1.13 -22.97
N PHE B 25 -9.85 0.21 -22.25
CA PHE B 25 -11.26 0.39 -21.89
C PHE B 25 -11.39 1.02 -20.51
N VAL B 26 -12.13 2.12 -20.43
CA VAL B 26 -12.33 2.83 -19.17
C VAL B 26 -13.81 2.84 -18.80
N PHE B 27 -14.09 2.93 -17.50
CA PHE B 27 -15.44 2.79 -16.94
C PHE B 27 -15.80 4.02 -16.13
N HIS B 28 -17.04 4.50 -16.26
CA HIS B 28 -17.45 5.76 -15.65
C HIS B 28 -17.39 5.69 -14.15
N PRO B 29 -17.06 6.82 -13.48
CA PRO B 29 -17.19 6.95 -12.01
C PRO B 29 -18.61 7.37 -11.64
N ALA B 30 -19.05 7.26 -10.38
CA ALA B 30 -20.37 7.77 -10.02
C ALA B 30 -20.49 9.28 -10.27
N GLY B 31 -21.58 9.71 -10.91
CA GLY B 31 -21.81 11.12 -11.15
C GLY B 31 -20.96 11.71 -12.26
N GLY B 32 -20.26 10.86 -13.01
CA GLY B 32 -19.41 11.39 -14.07
C GLY B 32 -19.48 10.56 -15.35
N SER B 33 -18.82 11.06 -16.39
CA SER B 33 -18.74 10.36 -17.67
C SER B 33 -17.30 9.92 -17.93
N THR B 34 -17.08 9.14 -18.99
CA THR B 34 -15.71 8.68 -19.22
C THR B 34 -14.84 9.78 -19.85
N VAL B 35 -15.42 10.95 -20.11
CA VAL B 35 -14.64 12.10 -20.55
C VAL B 35 -13.64 12.47 -19.42
N VAL B 36 -13.93 12.01 -18.21
CA VAL B 36 -13.02 12.24 -17.07
C VAL B 36 -11.65 11.57 -17.30
N TYR B 37 -11.53 10.65 -18.27
CA TYR B 37 -10.24 9.99 -18.51
C TYR B 37 -9.37 10.68 -19.55
N GLU B 38 -9.79 11.81 -20.10
CA GLU B 38 -8.97 12.48 -21.13
C GLU B 38 -7.64 12.95 -20.62
N PRO B 39 -7.59 13.49 -19.39
CA PRO B 39 -6.23 13.76 -18.88
C PRO B 39 -5.36 12.49 -18.80
N LEU B 40 -5.91 11.38 -18.34
CA LEU B 40 -5.15 10.15 -18.38
C LEU B 40 -4.71 9.84 -19.82
N LEU B 41 -5.64 9.99 -20.75
CA LEU B 41 -5.34 9.66 -22.14
C LEU B 41 -4.16 10.50 -22.62
N GLY B 42 -4.12 11.77 -22.21
CA GLY B 42 -3.00 12.65 -22.52
C GLY B 42 -1.65 12.15 -21.99
N ARG B 43 -1.67 11.29 -20.97
CA ARG B 43 -0.43 10.79 -20.38
C ARG B 43 -0.13 9.34 -20.78
N LEU B 44 -0.87 8.81 -21.76
CA LEU B 44 -0.66 7.45 -22.24
C LEU B 44 0.10 7.49 -23.56
N PRO B 45 0.58 6.33 -24.03
CA PRO B 45 1.32 6.41 -25.30
C PRO B 45 0.48 6.98 -26.44
N ALA B 46 1.18 7.62 -27.36
CA ALA B 46 0.59 8.16 -28.58
C ALA B 46 -0.31 7.15 -29.31
N ASP B 47 -1.47 7.63 -29.75
CA ASP B 47 -2.37 6.81 -30.56
C ASP B 47 -2.91 5.59 -29.85
N THR B 48 -2.85 5.60 -28.53
CA THR B 48 -3.53 4.61 -27.72
C THR B 48 -5.04 4.79 -27.89
N PRO B 49 -5.73 3.76 -28.41
CA PRO B 49 -7.19 3.88 -28.53
C PRO B 49 -7.83 3.78 -27.16
N MET B 50 -8.97 4.43 -26.98
CA MET B 50 -9.66 4.40 -25.69
C MET B 50 -11.17 4.46 -25.88
N TYR B 51 -11.86 3.51 -25.27
CA TYR B 51 -13.31 3.49 -25.29
C TYR B 51 -13.78 3.48 -23.86
N GLY B 52 -14.83 4.24 -23.61
CA GLY B 52 -15.39 4.43 -22.28
C GLY B 52 -16.75 3.79 -22.18
N PHE B 53 -16.98 3.09 -21.06
CA PHE B 53 -18.26 2.47 -20.77
C PHE B 53 -19.05 3.34 -19.80
N GLU B 54 -20.22 3.79 -20.24
CA GLU B 54 -21.04 4.69 -19.47
C GLU B 54 -22.06 3.88 -18.69
N ARG B 55 -22.87 4.59 -17.92
CA ARG B 55 -23.77 4.00 -16.92
C ARG B 55 -24.85 3.07 -17.49
N VAL B 56 -25.06 1.92 -16.84
CA VAL B 56 -26.22 1.04 -17.11
C VAL B 56 -26.85 0.61 -15.78
N GLU B 57 -28.02 -0.04 -15.78
CA GLU B 57 -28.73 -0.32 -14.52
C GLU B 57 -28.32 -1.65 -13.84
N GLY B 58 -28.51 -1.71 -12.52
CA GLY B 58 -28.39 -2.95 -11.77
C GLY B 58 -27.26 -2.99 -10.75
N SER B 59 -27.16 -4.13 -10.07
CA SER B 59 -26.00 -4.43 -9.25
C SER B 59 -24.73 -4.35 -10.09
N ILE B 60 -23.57 -4.27 -9.43
CA ILE B 60 -22.27 -4.32 -10.09
C ILE B 60 -22.16 -5.53 -11.02
N GLU B 61 -22.59 -6.69 -10.54
CA GLU B 61 -22.58 -7.92 -11.33
C GLU B 61 -23.47 -7.82 -12.57
N GLU B 62 -24.69 -7.33 -12.40
CA GLU B 62 -25.59 -7.11 -13.54
C GLU B 62 -25.04 -6.06 -14.54
N ARG B 63 -24.26 -5.10 -14.05
CA ARG B 63 -23.70 -4.08 -14.94
C ARG B 63 -22.57 -4.70 -15.76
N ALA B 64 -21.73 -5.51 -15.12
CA ALA B 64 -20.71 -6.27 -15.84
C ALA B 64 -21.29 -7.24 -16.85
N GLN B 65 -22.45 -7.81 -16.53
CA GLN B 65 -23.06 -8.80 -17.40
C GLN B 65 -23.53 -8.14 -18.69
N GLN B 66 -23.73 -6.82 -18.65
CA GLN B 66 -24.08 -6.01 -19.83
C GLN B 66 -22.82 -5.52 -20.57
N TYR B 67 -21.80 -5.17 -19.83
CA TYR B 67 -20.56 -4.64 -20.37
C TYR B 67 -19.76 -5.72 -21.12
N VAL B 68 -19.63 -6.89 -20.49
CA VAL B 68 -18.77 -7.97 -21.01
C VAL B 68 -19.10 -8.44 -22.45
N PRO B 69 -20.39 -8.67 -22.79
CA PRO B 69 -20.59 -9.02 -24.20
C PRO B 69 -20.17 -7.92 -25.15
N LYS B 70 -20.28 -6.66 -24.73
CA LYS B 70 -19.87 -5.57 -25.60
C LYS B 70 -18.35 -5.50 -25.72
N LEU B 71 -17.66 -5.67 -24.58
CA LEU B 71 -16.20 -5.78 -24.60
C LEU B 71 -15.71 -6.81 -25.61
N ILE B 72 -16.33 -7.99 -25.61
CA ILE B 72 -15.94 -9.06 -26.49
C ILE B 72 -16.23 -8.72 -27.94
N GLU B 73 -17.35 -8.05 -28.20
CA GLU B 73 -17.66 -7.62 -29.56
C GLU B 73 -16.57 -6.68 -30.12
N MET B 74 -15.98 -5.86 -29.25
CA MET B 74 -15.01 -4.87 -29.68
C MET B 74 -13.55 -5.36 -29.72
N GLN B 75 -13.20 -6.35 -28.89
CA GLN B 75 -11.80 -6.74 -28.74
C GLN B 75 -11.49 -8.26 -28.81
N GLY B 76 -12.50 -9.08 -29.10
CA GLY B 76 -12.28 -10.51 -29.34
C GLY B 76 -11.65 -11.29 -28.20
N ASP B 77 -10.53 -11.98 -28.44
CA ASP B 77 -9.93 -12.82 -27.40
C ASP B 77 -9.12 -12.04 -26.35
N GLY B 78 -8.77 -10.80 -26.70
CA GLY B 78 -7.78 -10.05 -25.95
C GLY B 78 -6.78 -9.43 -26.90
N PRO B 79 -5.76 -8.74 -26.35
CA PRO B 79 -5.61 -8.56 -24.90
C PRO B 79 -6.54 -7.49 -24.37
N TYR B 80 -7.03 -7.68 -23.15
CA TYR B 80 -7.91 -6.69 -22.55
C TYR B 80 -7.13 -5.86 -21.52
N VAL B 81 -7.32 -4.56 -21.63
CA VAL B 81 -6.76 -3.58 -20.71
C VAL B 81 -7.93 -2.83 -20.16
N LEU B 82 -8.18 -3.02 -18.86
CA LEU B 82 -9.37 -2.46 -18.22
C LEU B 82 -9.00 -1.51 -17.08
N VAL B 83 -9.53 -0.28 -17.11
CA VAL B 83 -9.07 0.77 -16.21
C VAL B 83 -10.23 1.57 -15.71
N GLY B 84 -10.26 1.86 -14.42
CA GLY B 84 -11.24 2.80 -13.92
C GLY B 84 -10.85 3.47 -12.62
N TRP B 85 -11.41 4.67 -12.43
CA TRP B 85 -11.28 5.47 -11.20
C TRP B 85 -12.54 5.38 -10.36
N SER B 86 -12.39 5.33 -9.03
CA SER B 86 -13.55 5.33 -8.13
C SER B 86 -14.44 4.13 -8.49
N LEU B 87 -15.74 4.36 -8.67
CA LEU B 87 -16.65 3.29 -9.12
C LEU B 87 -16.16 2.62 -10.39
N GLY B 88 -15.57 3.40 -11.31
CA GLY B 88 -15.05 2.83 -12.55
C GLY B 88 -14.10 1.66 -12.36
N GLY B 89 -13.29 1.71 -11.29
CA GLY B 89 -12.40 0.60 -10.94
C GLY B 89 -13.12 -0.68 -10.53
N VAL B 90 -14.17 -0.51 -9.74
CA VAL B 90 -14.98 -1.64 -9.33
C VAL B 90 -15.58 -2.28 -10.57
N LEU B 91 -16.04 -1.45 -11.51
CA LEU B 91 -16.62 -1.95 -12.75
C LEU B 91 -15.58 -2.66 -13.60
N ALA B 92 -14.38 -2.07 -13.70
CA ALA B 92 -13.32 -2.69 -14.49
C ALA B 92 -12.99 -4.05 -13.91
N TYR B 93 -12.94 -4.16 -12.60
CA TYR B 93 -12.65 -5.44 -11.96
C TYR B 93 -13.73 -6.49 -12.24
N ALA B 94 -14.99 -6.10 -12.14
CA ALA B 94 -16.08 -7.04 -12.36
C ALA B 94 -16.06 -7.56 -13.79
N CYS B 95 -15.72 -6.67 -14.72
CA CYS B 95 -15.57 -7.05 -16.12
C CYS B 95 -14.38 -7.97 -16.33
N ALA B 96 -13.29 -7.72 -15.63
CA ALA B 96 -12.16 -8.62 -15.69
C ALA B 96 -12.60 -10.02 -15.30
N ILE B 97 -13.36 -10.13 -14.20
CA ILE B 97 -13.88 -11.44 -13.75
C ILE B 97 -14.71 -12.13 -14.83
N GLY B 98 -15.69 -11.41 -15.38
CA GLY B 98 -16.55 -11.99 -16.40
C GLY B 98 -15.79 -12.45 -17.62
N LEU B 99 -14.81 -11.65 -18.02
CA LEU B 99 -14.05 -11.94 -19.23
C LEU B 99 -13.22 -13.20 -19.03
N ARG B 100 -12.68 -13.35 -17.82
CA ARG B 100 -11.90 -14.55 -17.51
C ARG B 100 -12.78 -15.79 -17.52
N ARG B 101 -14.01 -15.66 -17.04
CA ARG B 101 -14.94 -16.78 -17.10
C ARG B 101 -15.21 -17.22 -18.53
N LEU B 102 -15.10 -16.28 -19.47
CA LEU B 102 -15.24 -16.62 -20.88
C LEU B 102 -13.89 -16.95 -21.51
N GLY B 103 -12.85 -17.10 -20.69
CA GLY B 103 -11.55 -17.56 -21.14
C GLY B 103 -10.66 -16.51 -21.79
N LYS B 104 -11.05 -15.25 -21.72
CA LYS B 104 -10.30 -14.21 -22.44
C LYS B 104 -8.97 -13.84 -21.79
N ASP B 105 -8.16 -13.14 -22.56
CA ASP B 105 -6.83 -12.70 -22.13
C ASP B 105 -6.90 -11.26 -21.59
N VAL B 106 -7.00 -11.16 -20.27
CA VAL B 106 -7.02 -9.87 -19.58
C VAL B 106 -5.60 -9.62 -19.11
N ARG B 107 -4.94 -8.61 -19.70
CA ARG B 107 -3.52 -8.37 -19.43
C ARG B 107 -3.26 -7.33 -18.37
N PHE B 108 -4.22 -6.44 -18.18
CA PHE B 108 -4.00 -5.34 -17.26
C PHE B 108 -5.31 -4.81 -16.73
N VAL B 109 -5.40 -4.75 -15.41
CA VAL B 109 -6.50 -4.09 -14.72
C VAL B 109 -5.95 -2.96 -13.88
N GLY B 110 -6.32 -1.72 -14.19
CA GLY B 110 -5.80 -0.58 -13.47
C GLY B 110 -6.88 0.06 -12.64
N LEU B 111 -6.73 -0.04 -11.33
CA LEU B 111 -7.67 0.60 -10.40
C LEU B 111 -7.10 1.91 -9.95
N ILE B 112 -7.73 3.01 -10.34
CA ILE B 112 -7.22 4.32 -9.95
C ILE B 112 -7.92 4.72 -8.67
N ASP B 113 -7.22 4.46 -7.56
CA ASP B 113 -7.69 4.65 -6.20
C ASP B 113 -9.10 4.12 -5.93
N ALA B 114 -9.43 2.97 -6.52
CA ALA B 114 -10.69 2.30 -6.25
C ALA B 114 -10.46 1.47 -4.99
N VAL B 115 -10.47 2.13 -3.84
CA VAL B 115 -10.05 1.55 -2.57
C VAL B 115 -11.30 1.18 -1.80
N ARG B 116 -11.35 -0.08 -1.37
CA ARG B 116 -12.53 -0.56 -0.67
C ARG B 116 -12.63 0.11 0.70
N ALA B 117 -13.85 0.28 1.18
CA ALA B 117 -14.07 0.79 2.53
C ALA B 117 -13.29 -0.08 3.49
N GLY B 118 -12.74 0.53 4.54
CA GLY B 118 -11.88 -0.20 5.45
C GLY B 118 -12.63 -1.22 6.30
N GLU B 119 -13.94 -1.17 6.25
CA GLU B 119 -14.77 -2.02 7.06
C GLU B 119 -16.02 -2.35 6.26
N GLU B 120 -16.54 -3.56 6.44
CA GLU B 120 -17.81 -3.95 5.79
C GLU B 120 -18.98 -3.02 6.16
N ILE B 121 -19.76 -2.60 5.19
CA ILE B 121 -20.89 -1.76 5.49
C ILE B 121 -22.08 -2.64 5.90
N PRO B 122 -22.52 -2.51 7.17
CA PRO B 122 -23.60 -3.38 7.67
C PRO B 122 -24.90 -3.20 6.88
N GLN B 123 -25.54 -4.31 6.49
CA GLN B 123 -26.79 -4.20 5.76
C GLN B 123 -27.93 -4.42 6.71
N THR B 124 -28.11 -3.47 7.63
CA THR B 124 -29.08 -3.63 8.71
C THR B 124 -29.98 -2.42 8.78
N LYS B 125 -31.09 -2.57 9.51
CA LYS B 125 -32.03 -1.47 9.71
C LYS B 125 -31.37 -0.39 10.56
N GLU B 126 -30.67 -0.80 11.62
CA GLU B 126 -29.91 0.12 12.44
C GLU B 126 -28.99 1.00 11.59
N GLU B 127 -28.35 0.40 10.60
CA GLU B 127 -27.44 1.14 9.73
C GLU B 127 -28.18 2.15 8.81
N ILE B 128 -29.37 1.78 8.34
CA ILE B 128 -30.13 2.72 7.53
C ILE B 128 -30.54 3.92 8.38
N ARG B 129 -30.97 3.66 9.63
CA ARG B 129 -31.37 4.77 10.50
C ARG B 129 -30.18 5.69 10.71
N LYS B 130 -29.04 5.13 11.06
CA LYS B 130 -27.88 5.93 11.40
C LYS B 130 -27.40 6.73 10.19
N ARG B 131 -27.46 6.10 9.02
CA ARG B 131 -27.04 6.73 7.79
C ARG B 131 -27.84 8.01 7.52
N TRP B 132 -29.16 7.89 7.59
CA TRP B 132 -29.98 9.04 7.25
C TRP B 132 -29.98 10.09 8.35
N ASP B 133 -29.70 9.71 9.58
CA ASP B 133 -29.44 10.69 10.64
C ASP B 133 -28.21 11.52 10.35
N ARG B 134 -27.16 10.86 9.88
CA ARG B 134 -25.93 11.55 9.55
C ARG B 134 -26.17 12.51 8.38
N TYR B 135 -26.89 12.04 7.36
CA TYR B 135 -27.18 12.89 6.22
C TYR B 135 -28.01 14.14 6.62
N ALA B 136 -28.97 13.95 7.51
CA ALA B 136 -29.82 15.07 7.93
C ALA B 136 -29.00 16.14 8.67
N ALA B 137 -28.19 15.72 9.63
CA ALA B 137 -27.34 16.66 10.36
C ALA B 137 -26.41 17.38 9.39
N PHE B 138 -25.88 16.65 8.42
CA PHE B 138 -25.01 17.26 7.43
C PHE B 138 -25.79 18.28 6.62
N ALA B 139 -27.00 17.90 6.20
CA ALA B 139 -27.86 18.77 5.41
C ALA B 139 -28.20 20.09 6.13
N GLU B 140 -28.70 19.99 7.37
CA GLU B 140 -29.11 21.19 8.08
C GLU B 140 -27.93 22.15 8.28
N LYS B 141 -26.76 21.61 8.65
CA LYS B 141 -25.58 22.44 8.89
C LYS B 141 -25.06 23.07 7.59
N THR B 142 -25.06 22.31 6.50
CA THR B 142 -24.52 22.76 5.22
C THR B 142 -25.51 23.69 4.52
N VAL B 145 -30.49 25.27 6.21
CA VAL B 145 -31.87 24.86 5.96
C VAL B 145 -32.40 23.93 7.04
N THR B 146 -33.62 23.44 6.85
CA THR B 146 -34.30 22.63 7.86
C THR B 146 -34.89 21.34 7.28
N ILE B 147 -34.37 20.19 7.72
CA ILE B 147 -34.87 18.90 7.26
C ILE B 147 -36.01 18.43 8.17
N PRO B 148 -37.11 17.90 7.58
CA PRO B 148 -38.18 17.46 8.46
C PRO B 148 -37.90 16.10 9.06
N ALA B 149 -38.69 15.69 10.05
CA ALA B 149 -38.53 14.35 10.61
C ALA B 149 -38.89 13.31 9.56
N ILE B 150 -38.15 12.21 9.49
CA ILE B 150 -38.52 11.09 8.63
C ILE B 150 -38.78 9.85 9.48
N PRO B 151 -40.00 9.30 9.39
CA PRO B 151 -40.42 8.13 10.16
C PRO B 151 -39.62 6.90 9.80
N TYR B 152 -38.65 6.58 10.63
CA TYR B 152 -37.66 5.56 10.38
C TYR B 152 -38.26 4.21 10.20
N GLU B 153 -39.38 3.97 10.84
CA GLU B 153 -40.00 2.65 10.74
C GLU B 153 -40.26 2.29 9.27
N GLN B 154 -40.64 3.29 8.48
CA GLN B 154 -40.85 3.12 7.05
C GLN B 154 -39.55 2.99 6.27
N LEU B 155 -38.61 3.85 6.61
CA LEU B 155 -37.36 3.97 5.91
C LEU B 155 -36.58 2.67 5.94
N GLU B 156 -36.65 1.95 7.07
CA GLU B 156 -35.87 0.73 7.27
C GLU B 156 -36.32 -0.41 6.40
N GLU B 157 -37.54 -0.31 5.88
CA GLU B 157 -38.08 -1.38 5.05
C GLU B 157 -37.79 -1.18 3.56
N LEU B 158 -37.01 -0.16 3.23
CA LEU B 158 -36.75 0.15 1.83
C LEU B 158 -35.30 -0.14 1.42
N ASP B 159 -35.08 -0.52 0.16
CA ASP B 159 -33.74 -0.67 -0.37
C ASP B 159 -33.15 0.71 -0.62
N ASN B 160 -31.91 0.79 -1.11
CA ASN B 160 -31.29 2.09 -1.32
C ASN B 160 -32.12 3.01 -2.25
N GLU B 161 -32.66 2.44 -3.32
CA GLU B 161 -33.50 3.18 -4.25
C GLU B 161 -34.75 3.76 -3.58
N GLY B 162 -35.45 2.93 -2.81
CA GLY B 162 -36.65 3.37 -2.12
C GLY B 162 -36.30 4.41 -1.07
N GLN B 163 -35.19 4.21 -0.35
CA GLN B 163 -34.77 5.14 0.70
C GLN B 163 -34.51 6.54 0.14
N VAL B 164 -33.76 6.64 -0.95
CA VAL B 164 -33.43 7.97 -1.44
C VAL B 164 -34.69 8.66 -2.00
N ARG B 165 -35.55 7.91 -2.67
CA ARG B 165 -36.78 8.51 -3.22
C ARG B 165 -37.70 8.95 -2.09
N PHE B 166 -37.73 8.15 -1.02
CA PHE B 166 -38.55 8.45 0.13
C PHE B 166 -38.10 9.74 0.80
N VAL B 167 -36.80 9.84 1.04
CA VAL B 167 -36.26 11.05 1.66
C VAL B 167 -36.44 12.29 0.77
N LEU B 168 -36.18 12.13 -0.53
CA LEU B 168 -36.40 13.23 -1.47
C LEU B 168 -37.85 13.72 -1.40
N ASP B 169 -38.78 12.79 -1.32
CA ASP B 169 -40.21 13.11 -1.19
C ASP B 169 -40.52 13.87 0.11
N ALA B 170 -39.97 13.41 1.24
CA ALA B 170 -40.21 14.13 2.50
C ALA B 170 -39.70 15.58 2.42
N VAL B 171 -38.51 15.74 1.83
CA VAL B 171 -37.88 17.05 1.74
C VAL B 171 -38.68 18.03 0.90
N SER B 172 -39.19 17.60 -0.26
CA SER B 172 -39.98 18.51 -1.08
C SER B 172 -41.29 18.86 -0.39
N GLN B 173 -41.87 17.91 0.32
CA GLN B 173 -43.12 18.16 1.04
C GLN B 173 -42.90 19.14 2.20
N SER B 174 -41.67 19.28 2.67
CA SER B 174 -41.36 20.23 3.73
C SER B 174 -41.18 21.63 3.15
N GLY B 175 -41.12 21.74 1.83
CA GLY B 175 -41.07 23.04 1.19
C GLY B 175 -39.74 23.37 0.53
N VAL B 176 -38.77 22.49 0.66
CA VAL B 176 -37.49 22.69 -0.02
C VAL B 176 -37.58 22.26 -1.49
N GLN B 177 -37.47 23.22 -2.40
CA GLN B 177 -37.45 22.90 -3.83
C GLN B 177 -36.01 22.92 -4.38
N ILE B 178 -35.58 21.75 -4.85
CA ILE B 178 -34.26 21.54 -5.46
C ILE B 178 -34.46 21.29 -6.96
N PRO B 179 -33.63 21.92 -7.83
CA PRO B 179 -33.81 21.71 -9.28
C PRO B 179 -33.78 20.24 -9.70
N ALA B 180 -34.75 19.84 -10.54
CA ALA B 180 -34.93 18.42 -10.89
C ALA B 180 -33.69 17.78 -11.49
N GLY B 181 -33.01 18.48 -12.38
CA GLY B 181 -31.78 17.97 -12.96
C GLY B 181 -30.73 17.66 -11.92
N ILE B 182 -30.58 18.54 -10.93
CA ILE B 182 -29.54 18.32 -9.91
C ILE B 182 -29.95 17.13 -9.05
N ILE B 183 -31.23 17.05 -8.67
CA ILE B 183 -31.72 15.90 -7.94
C ILE B 183 -31.38 14.58 -8.64
N GLU B 184 -31.71 14.49 -9.92
CA GLU B 184 -31.57 13.24 -10.65
C GLU B 184 -30.11 12.91 -10.79
N HIS B 185 -29.29 13.93 -11.04
CA HIS B 185 -27.86 13.65 -11.14
C HIS B 185 -27.34 13.11 -9.79
N GLN B 186 -27.71 13.77 -8.68
CA GLN B 186 -27.22 13.34 -7.37
C GLN B 186 -27.79 12.01 -6.93
N ARG B 187 -29.05 11.76 -7.30
CA ARG B 187 -29.71 10.49 -6.94
C ARG B 187 -28.94 9.32 -7.57
N THR B 188 -28.62 9.42 -8.87
CA THR B 188 -27.98 8.28 -9.52
C THR B 188 -26.54 8.15 -9.07
N SER B 189 -25.89 9.28 -8.85
CA SER B 189 -24.51 9.26 -8.34
C SER B 189 -24.46 8.54 -6.98
N TYR B 190 -25.39 8.88 -6.10
CA TYR B 190 -25.50 8.24 -4.80
C TYR B 190 -25.72 6.72 -4.93
N LEU B 191 -26.71 6.32 -5.72
CA LEU B 191 -27.06 4.90 -5.86
C LEU B 191 -25.94 4.14 -6.54
N ASP B 192 -25.29 4.77 -7.51
CA ASP B 192 -24.18 4.12 -8.19
C ASP B 192 -23.04 3.82 -7.19
N ASN B 193 -22.72 4.77 -6.33
CA ASN B 193 -21.71 4.50 -5.30
C ASN B 193 -22.18 3.48 -4.25
N ARG B 194 -23.45 3.52 -3.88
CA ARG B 194 -23.96 2.54 -2.91
C ARG B 194 -23.92 1.10 -3.43
N ALA B 195 -24.05 0.92 -4.74
CA ALA B 195 -24.02 -0.42 -5.32
C ALA B 195 -22.69 -1.15 -4.97
N ILE B 196 -21.62 -0.38 -4.76
CA ILE B 196 -20.35 -1.00 -4.35
C ILE B 196 -20.49 -1.78 -3.04
N ASP B 197 -21.29 -1.28 -2.09
CA ASP B 197 -21.33 -1.93 -0.76
C ASP B 197 -21.70 -3.40 -0.77
N THR B 198 -22.52 -3.81 -1.74
CA THR B 198 -22.94 -5.21 -1.75
C THR B 198 -22.39 -5.96 -2.96
N ALA B 199 -21.38 -5.40 -3.60
CA ALA B 199 -20.74 -6.12 -4.70
C ALA B 199 -20.07 -7.40 -4.20
N GLN B 200 -20.36 -8.50 -4.88
CA GLN B 200 -19.73 -9.77 -4.53
C GLN B 200 -18.36 -9.89 -5.19
N ILE B 201 -17.31 -9.58 -4.46
CA ILE B 201 -15.97 -9.58 -5.05
C ILE B 201 -15.45 -11.01 -5.26
N GLN B 202 -14.98 -11.31 -6.47
CA GLN B 202 -14.47 -12.66 -6.78
C GLN B 202 -12.96 -12.60 -6.89
N PRO B 203 -12.30 -13.72 -6.59
CA PRO B 203 -10.86 -13.72 -6.77
C PRO B 203 -10.50 -13.62 -8.24
N TYR B 204 -9.45 -12.86 -8.54
CA TYR B 204 -9.01 -12.67 -9.90
C TYR B 204 -7.55 -13.17 -10.03
N ASP B 205 -7.29 -13.95 -11.08
CA ASP B 205 -6.01 -14.63 -11.24
C ASP B 205 -4.99 -13.92 -12.13
N GLY B 206 -5.19 -12.64 -12.38
CA GLY B 206 -4.28 -11.91 -13.25
C GLY B 206 -3.67 -10.73 -12.55
N HIS B 207 -3.08 -9.82 -13.32
CA HIS B 207 -2.40 -8.67 -12.74
C HIS B 207 -3.31 -7.49 -12.49
N VAL B 208 -3.23 -6.92 -11.29
CA VAL B 208 -3.97 -5.70 -10.99
C VAL B 208 -3.03 -4.65 -10.47
N THR B 209 -3.07 -3.46 -11.04
CA THR B 209 -2.34 -2.35 -10.46
C THR B 209 -3.30 -1.41 -9.77
N LEU B 210 -3.09 -1.21 -8.48
CA LEU B 210 -3.91 -0.27 -7.71
C LEU B 210 -3.14 0.99 -7.49
N TYR B 211 -3.57 2.07 -8.15
CA TYR B 211 -2.93 3.37 -7.92
C TYR B 211 -3.51 3.92 -6.66
N MET B 212 -2.66 4.07 -5.64
CA MET B 212 -3.16 4.29 -4.32
C MET B 212 -2.84 5.68 -3.79
N ALA B 213 -3.89 6.47 -3.63
CA ALA B 213 -3.80 7.81 -3.06
C ALA B 213 -3.56 7.71 -1.55
N ASP B 214 -3.39 8.84 -0.85
CA ASP B 214 -3.23 8.79 0.59
C ASP B 214 -4.55 8.56 1.33
N ARG B 215 -5.66 9.11 0.82
CA ARG B 215 -6.91 9.04 1.58
C ARG B 215 -8.08 9.42 0.73
N TYR B 216 -9.28 9.10 1.20
CA TYR B 216 -10.48 9.62 0.58
C TYR B 216 -10.66 11.07 1.02
N HIS B 217 -11.27 11.87 0.16
CA HIS B 217 -11.61 13.25 0.47
C HIS B 217 -12.81 13.30 1.43
N ASP B 218 -13.05 14.46 2.03
CA ASP B 218 -14.07 14.61 3.08
C ASP B 218 -15.47 14.22 2.62
N ASP B 219 -15.82 14.58 1.38
CA ASP B 219 -17.14 14.26 0.85
C ASP B 219 -17.42 12.76 0.78
N ALA B 220 -16.39 11.96 0.47
CA ALA B 220 -16.54 10.50 0.42
C ALA B 220 -16.82 9.98 1.82
N ILE B 221 -16.14 10.57 2.79
CA ILE B 221 -16.29 10.14 4.17
C ILE B 221 -17.67 10.55 4.70
N MET B 222 -18.19 11.71 4.29
CA MET B 222 -19.52 12.10 4.70
C MET B 222 -20.55 11.13 4.11
N PHE B 223 -20.32 10.72 2.85
CA PHE B 223 -21.15 9.71 2.19
C PHE B 223 -21.10 8.40 2.98
N GLU B 224 -19.89 7.96 3.31
CA GLU B 224 -19.74 6.69 4.04
C GLU B 224 -18.49 6.76 4.90
N PRO B 225 -18.66 6.89 6.22
CA PRO B 225 -17.50 7.11 7.11
C PRO B 225 -16.48 5.96 7.10
N ARG B 226 -16.90 4.77 6.69
CA ARG B 226 -15.96 3.65 6.69
C ARG B 226 -14.91 3.86 5.60
N TYR B 227 -15.07 4.88 4.75
CA TYR B 227 -14.02 5.18 3.78
C TYR B 227 -12.89 5.97 4.46
N ALA B 228 -13.09 6.32 5.73
CA ALA B 228 -12.08 7.04 6.49
C ALA B 228 -10.91 6.11 6.82
N VAL B 229 -11.14 4.80 6.73
CA VAL B 229 -10.08 3.81 6.97
C VAL B 229 -9.70 3.10 5.67
N ARG B 230 -8.42 3.01 5.36
CA ARG B 230 -7.94 2.25 4.20
C ARG B 230 -6.98 1.19 4.68
N GLN B 231 -7.13 -0.03 4.19
CA GLN B 231 -6.15 -1.07 4.48
C GLN B 231 -4.98 -0.92 3.51
N PRO B 232 -3.81 -1.45 3.90
CA PRO B 232 -2.63 -1.35 3.05
C PRO B 232 -2.85 -1.92 1.63
N ASP B 233 -3.66 -2.97 1.49
CA ASP B 233 -3.91 -3.55 0.17
C ASP B 233 -5.16 -3.00 -0.50
N GLY B 234 -5.77 -1.99 0.11
CA GLY B 234 -6.96 -1.36 -0.41
C GLY B 234 -8.15 -2.31 -0.42
N GLY B 235 -8.03 -3.42 0.30
CA GLY B 235 -9.06 -4.44 0.40
C GLY B 235 -9.02 -5.48 -0.72
N TRP B 236 -7.95 -5.46 -1.51
CA TRP B 236 -7.91 -6.34 -2.68
C TRP B 236 -6.96 -7.50 -2.51
N GLY B 237 -6.15 -7.47 -1.45
CA GLY B 237 -5.05 -8.42 -1.31
C GLY B 237 -5.39 -9.89 -1.28
N GLU B 238 -6.52 -10.28 -0.73
CA GLU B 238 -6.81 -11.70 -0.69
C GLU B 238 -7.66 -12.16 -1.87
N TYR B 239 -8.00 -11.26 -2.77
CA TYR B 239 -8.72 -11.66 -3.96
C TYR B 239 -7.89 -11.68 -5.21
N VAL B 240 -6.74 -11.01 -5.17
CA VAL B 240 -5.89 -10.83 -6.34
C VAL B 240 -4.51 -11.36 -6.04
N SER B 241 -4.10 -12.39 -6.76
CA SER B 241 -2.80 -12.99 -6.51
C SER B 241 -1.68 -12.03 -6.91
N ASP B 242 -1.78 -11.42 -8.09
CA ASP B 242 -0.72 -10.55 -8.59
C ASP B 242 -1.08 -9.06 -8.46
N LEU B 243 -1.04 -8.55 -7.23
CA LEU B 243 -1.49 -7.19 -6.95
C LEU B 243 -0.29 -6.28 -6.76
N GLU B 244 -0.25 -5.22 -7.56
CA GLU B 244 0.81 -4.21 -7.45
C GLU B 244 0.19 -2.93 -6.95
N VAL B 245 0.77 -2.34 -5.90
CA VAL B 245 0.27 -1.06 -5.43
C VAL B 245 1.26 0.04 -5.75
N VAL B 246 0.72 1.09 -6.35
CA VAL B 246 1.50 2.25 -6.71
C VAL B 246 0.99 3.46 -5.96
N PRO B 247 1.73 3.90 -4.92
CA PRO B 247 1.37 5.07 -4.11
C PRO B 247 1.44 6.33 -4.95
N ILE B 248 0.39 7.13 -4.96
CA ILE B 248 0.40 8.33 -5.82
C ILE B 248 0.17 9.55 -4.95
N GLY B 249 -0.16 9.30 -3.68
CA GLY B 249 -0.42 10.38 -2.74
C GLY B 249 -1.70 11.15 -3.00
N GLY B 250 -1.88 12.25 -2.30
CA GLY B 250 -3.05 13.09 -2.52
C GLY B 250 -4.34 12.45 -2.08
N GLU B 251 -5.45 13.03 -2.51
CA GLU B 251 -6.79 12.59 -2.16
C GLU B 251 -7.43 11.87 -3.33
N HIS B 252 -8.51 11.15 -3.05
CA HIS B 252 -9.19 10.34 -4.05
C HIS B 252 -9.68 11.17 -5.23
N ILE B 253 -10.24 12.33 -4.93
CA ILE B 253 -10.84 13.18 -5.96
C ILE B 253 -9.76 13.75 -6.88
N GLN B 254 -8.54 13.90 -6.39
CA GLN B 254 -7.42 14.42 -7.19
C GLN B 254 -6.71 13.38 -8.07
N ALA B 255 -6.92 12.10 -7.77
CA ALA B 255 -6.16 11.05 -8.42
C ALA B 255 -6.30 11.05 -9.93
N ILE B 256 -7.43 11.54 -10.42
CA ILE B 256 -7.75 11.42 -11.83
C ILE B 256 -7.31 12.63 -12.66
N ASP B 257 -6.86 13.70 -11.99
CA ASP B 257 -6.46 14.94 -12.69
C ASP B 257 -4.98 15.27 -12.54
N GLU B 258 -4.52 16.22 -13.33
CA GLU B 258 -3.18 16.72 -13.18
C GLU B 258 -3.00 17.38 -11.81
N PRO B 259 -1.82 17.23 -11.20
CA PRO B 259 -0.63 16.50 -11.70
C PRO B 259 -0.57 15.03 -11.35
N ILE B 260 -1.42 14.54 -10.46
CA ILE B 260 -1.26 13.16 -9.98
C ILE B 260 -1.37 12.16 -11.13
N ILE B 261 -2.25 12.46 -12.09
CA ILE B 261 -2.50 11.52 -13.20
C ILE B 261 -1.26 11.32 -14.07
N ALA B 262 -0.32 12.25 -14.00
CA ALA B 262 0.96 12.07 -14.70
C ALA B 262 1.73 10.89 -14.11
N LYS B 263 1.70 10.73 -12.79
CA LYS B 263 2.38 9.58 -12.20
C LYS B 263 1.70 8.29 -12.62
N VAL B 264 0.37 8.28 -12.58
CA VAL B 264 -0.38 7.12 -13.04
C VAL B 264 -0.07 6.80 -14.51
N GLY B 265 -0.15 7.79 -15.37
CA GLY B 265 0.09 7.57 -16.80
C GLY B 265 1.50 7.11 -17.12
N GLU B 266 2.49 7.70 -16.43
CA GLU B 266 3.87 7.28 -16.62
C GLU B 266 4.01 5.80 -16.32
N HIS B 267 3.40 5.33 -15.24
CA HIS B 267 3.50 3.92 -14.91
C HIS B 267 2.69 3.05 -15.88
N MET B 268 1.47 3.48 -16.17
CA MET B 268 0.58 2.73 -17.06
C MET B 268 1.15 2.64 -18.47
N SER B 269 1.84 3.70 -18.89
CA SER B 269 2.49 3.71 -20.20
C SER B 269 3.52 2.58 -20.31
N ARG B 270 4.27 2.34 -19.25
CA ARG B 270 5.27 1.27 -19.31
C ARG B 270 4.57 -0.07 -19.41
N ALA B 271 3.51 -0.26 -18.63
CA ALA B 271 2.74 -1.49 -18.72
C ALA B 271 2.19 -1.73 -20.13
N LEU B 272 1.58 -0.71 -20.73
CA LEU B 272 1.06 -0.84 -22.10
C LEU B 272 2.19 -1.07 -23.09
N GLY B 273 3.33 -0.45 -22.82
CA GLY B 273 4.50 -0.62 -23.67
C GLY B 273 4.95 -2.07 -23.76
N GLN B 274 4.96 -2.74 -22.62
CA GLN B 274 5.39 -4.13 -22.56
C GLN B 274 4.39 -4.99 -23.32
N ILE B 275 3.11 -4.66 -23.15
CA ILE B 275 2.04 -5.38 -23.82
C ILE B 275 2.16 -5.23 -25.31
N GLU B 276 2.43 -4.01 -25.74
CA GLU B 276 2.62 -3.75 -27.15
C GLU B 276 3.84 -4.50 -27.67
N ALA B 277 4.89 -4.59 -26.84
CA ALA B 277 6.09 -5.32 -27.21
C ALA B 277 5.81 -6.81 -27.39
N ASP B 278 5.06 -7.38 -26.47
CA ASP B 278 4.71 -8.80 -26.53
C ASP B 278 3.79 -9.13 -27.71
N ARG B 279 3.46 -8.12 -28.52
CA ARG B 279 2.81 -8.35 -29.81
C ARG B 279 3.81 -8.42 -30.96
#